data_9GVD
#
_entry.id   9GVD
#
_cell.length_a   60.063
_cell.length_b   97.129
_cell.length_c   179.024
_cell.angle_alpha   90.000
_cell.angle_beta   90.000
_cell.angle_gamma   90.000
#
_symmetry.space_group_name_H-M   'I 2 2 2'
#
loop_
_entity.id
_entity.type
_entity.pdbx_description
1 polymer 'Multifunctional alkaline phosphatase superfamily protein pRL90232'
2 non-polymer 'MANGANESE (II) ION'
3 non-polymer 'VANADATE ION'
4 non-polymer 'SODIUM ION'
5 water water
#
_entity_poly.entity_id   1
_entity_poly.type   'polypeptide(L)'
_entity_poly.pdbx_seq_one_letter_code
;MASWSHPQFEKGAETAVPNSSSVPGDPSSMRKKNVLLIVVDQWRADFVPHVLRADGKIDFLKTPNLDRLCREGVTFRNHV
TTCVP(DDZ)GPARASLLTGLYLMNHRAVQNTVPLDQRHLNLGKALRGVGYDPALIGYTTTVPDPRTTSPNDPRFRVLGD
LMDGFHPVGAFEPNMEGYFGWVAQNGFDLPEHRPDIWLPEGEDAVAGATDRPSRIPKEFSDSTFFTERALTYLKGRDGKP
FFLHLGYYRPHPPFVASAPYHAMYRPEDMPAPIRAANPDIEAAQHPLMKFYVDSIRRGSFFQGAEGSGATLDEAELRQMR
ATYCGLITEVDDCLGRVFSYLDETGQWDDTLIIFTSDHGEQLGDHHLLGKIGYNDPSFRIPLVIKDAGENARAGAIESGF
TESIDVMPTILDWLGGKIPHACDGLSLLPFLSEGRPQDWRTELHYEYDFRDVYYSEPQSFLGLGMNDCSLCVIQDERYKY
VHFAALPPLFFDLRHDPNEFTNLADDPAYAALVRDYAQKALSWRLKHADRTLTHYRSGPEGLSERSH
;
_entity_poly.pdbx_strand_id   A
#
# COMPACT_ATOMS: atom_id res chain seq x y z
N LYS A 32 8.56 0.54 29.03
CA LYS A 32 9.16 0.61 27.69
C LYS A 32 8.08 0.59 26.60
N LYS A 33 8.31 1.37 25.55
CA LYS A 33 7.42 1.43 24.41
C LYS A 33 8.15 1.10 23.11
N ASN A 34 7.65 0.11 22.38
CA ASN A 34 8.17 -0.22 21.08
C ASN A 34 7.06 -0.03 20.05
N VAL A 35 7.46 0.20 18.80
CA VAL A 35 6.55 0.25 17.66
C VAL A 35 7.08 -0.69 16.57
N LEU A 36 6.23 -1.64 16.14
CA LEU A 36 6.54 -2.50 15.00
C LEU A 36 5.51 -2.13 13.92
N LEU A 37 5.98 -1.47 12.86
CA LEU A 37 5.12 -1.10 11.73
C LEU A 37 5.42 -2.10 10.61
N ILE A 38 4.49 -3.04 10.38
CA ILE A 38 4.63 -4.05 9.34
C ILE A 38 3.97 -3.50 8.10
N VAL A 39 4.73 -3.37 7.01
CA VAL A 39 4.20 -2.86 5.74
C VAL A 39 4.44 -3.94 4.70
N VAL A 40 3.38 -4.67 4.33
CA VAL A 40 3.44 -5.57 3.19
C VAL A 40 3.22 -4.80 1.89
N ASP A 41 3.28 -5.49 0.76
CA ASP A 41 3.13 -4.81 -0.53
C ASP A 41 2.08 -5.53 -1.34
N GLN A 42 1.09 -4.79 -1.84
CA GLN A 42 0.18 -5.33 -2.85
C GLN A 42 -0.85 -6.32 -2.27
N TRP A 43 -1.15 -6.24 -0.97
CA TRP A 43 -2.09 -7.12 -0.26
C TRP A 43 -3.46 -6.44 -0.13
N ARG A 44 -4.49 -7.07 -0.68
CA ARG A 44 -5.85 -6.52 -0.72
C ARG A 44 -6.56 -6.62 0.62
N ALA A 45 -7.44 -5.64 0.88
CA ALA A 45 -8.22 -5.61 2.11
C ALA A 45 -9.17 -6.80 2.20
N ASP A 46 -9.69 -7.31 1.06
CA ASP A 46 -10.60 -8.46 1.11
C ASP A 46 -9.87 -9.80 1.17
N PHE A 47 -8.55 -9.81 1.43
CA PHE A 47 -7.81 -11.03 1.72
C PHE A 47 -7.35 -10.99 3.19
N VAL A 48 -8.29 -10.70 4.09
CA VAL A 48 -8.06 -10.59 5.53
C VAL A 48 -9.09 -11.49 6.23
N PRO A 49 -8.69 -12.69 6.65
CA PRO A 49 -9.66 -13.69 7.15
C PRO A 49 -10.56 -13.22 8.28
N HIS A 50 -10.10 -12.35 9.18
CA HIS A 50 -10.94 -11.95 10.30
C HIS A 50 -12.19 -11.21 9.78
N VAL A 51 -12.03 -10.40 8.73
CA VAL A 51 -13.17 -9.70 8.13
C VAL A 51 -14.06 -10.65 7.34
N LEU A 52 -13.45 -11.54 6.54
CA LEU A 52 -14.24 -12.54 5.83
C LEU A 52 -15.15 -13.30 6.79
N ARG A 53 -14.60 -13.81 7.89
CA ARG A 53 -15.41 -14.59 8.83
C ARG A 53 -16.49 -13.74 9.48
N ALA A 54 -16.19 -12.48 9.81
CA ALA A 54 -17.19 -11.61 10.41
C ALA A 54 -18.40 -11.42 9.51
N ASP A 55 -18.18 -11.43 8.19
CA ASP A 55 -19.26 -11.29 7.23
C ASP A 55 -19.86 -12.64 6.81
N GLY A 56 -19.46 -13.74 7.43
CA GLY A 56 -20.02 -15.05 7.10
C GLY A 56 -19.53 -15.60 5.79
N LYS A 57 -18.42 -15.09 5.28
CA LYS A 57 -17.81 -15.58 4.05
C LYS A 57 -16.80 -16.69 4.37
N ILE A 58 -16.51 -17.53 3.39
CA ILE A 58 -15.46 -18.51 3.60
C ILE A 58 -14.09 -17.80 3.65
N ASP A 59 -13.29 -18.09 4.71
CA ASP A 59 -11.93 -17.57 4.77
C ASP A 59 -11.04 -18.57 4.05
N PHE A 60 -10.88 -18.37 2.74
CA PHE A 60 -10.23 -19.30 1.83
C PHE A 60 -8.70 -19.24 1.92
N LEU A 61 -8.14 -18.41 2.78
CA LEU A 61 -6.69 -18.44 2.96
C LEU A 61 -6.42 -18.42 4.44
N LYS A 62 -5.20 -18.87 4.81
CA LYS A 62 -4.82 -18.97 6.22
C LYS A 62 -3.76 -17.95 6.58
N THR A 63 -4.01 -17.19 7.64
CA THR A 63 -3.07 -16.20 8.16
C THR A 63 -3.20 -16.23 9.68
N PRO A 64 -2.78 -17.32 10.33
CA PRO A 64 -2.97 -17.40 11.79
C PRO A 64 -2.30 -16.28 12.58
N ASN A 65 -1.15 -15.77 12.12
CA ASN A 65 -0.45 -14.72 12.87
C ASN A 65 -1.12 -13.38 12.71
N LEU A 66 -1.54 -13.03 11.50
CA LEU A 66 -2.38 -11.85 11.35
C LEU A 66 -3.66 -12.01 12.15
N ASP A 67 -4.27 -13.21 12.12
CA ASP A 67 -5.49 -13.44 12.89
C ASP A 67 -5.27 -13.20 14.39
N ARG A 68 -4.07 -13.52 14.91
CA ARG A 68 -3.77 -13.19 16.30
C ARG A 68 -3.82 -11.69 16.53
N LEU A 69 -3.20 -10.90 15.63
CA LEU A 69 -3.28 -9.44 15.78
C LEU A 69 -4.72 -8.98 15.78
N CYS A 70 -5.55 -9.57 14.90
CA CYS A 70 -6.96 -9.17 14.85
C CYS A 70 -7.68 -9.52 16.12
N ARG A 71 -7.42 -10.70 16.68
CA ARG A 71 -8.11 -11.06 17.92
C ARG A 71 -7.71 -10.15 19.06
N GLU A 72 -6.48 -9.67 19.06
CA GLU A 72 -5.97 -8.90 20.18
C GLU A 72 -6.15 -7.39 19.98
N GLY A 73 -6.41 -6.91 18.77
CA GLY A 73 -6.44 -5.49 18.50
C GLY A 73 -7.70 -5.10 17.73
N VAL A 74 -7.59 -3.99 16.98
CA VAL A 74 -8.68 -3.44 16.20
C VAL A 74 -8.37 -3.61 14.72
N THR A 75 -9.32 -4.16 13.97
CA THR A 75 -9.22 -4.31 12.53
C THR A 75 -10.05 -3.22 11.87
N PHE A 76 -9.44 -2.46 10.99
CA PHE A 76 -10.07 -1.33 10.33
C PHE A 76 -10.50 -1.82 8.95
N ARG A 77 -11.83 -1.89 8.72
CA ARG A 77 -12.31 -2.52 7.50
C ARG A 77 -12.51 -1.55 6.34
N ASN A 78 -12.40 -0.22 6.59
CA ASN A 78 -12.53 0.77 5.54
C ASN A 78 -11.29 1.66 5.50
N HIS A 79 -10.13 1.02 5.37
CA HIS A 79 -8.84 1.71 5.24
C HIS A 79 -8.44 1.75 3.78
N VAL A 80 -7.93 2.91 3.33
CA VAL A 80 -7.41 3.06 1.97
C VAL A 80 -6.02 3.66 2.01
N THR A 81 -5.22 3.32 1.00
CA THR A 81 -4.07 4.17 0.68
C THR A 81 -4.58 5.38 -0.09
N THR A 82 -4.00 6.56 0.18
CA THR A 82 -4.44 7.78 -0.49
C THR A 82 -3.90 7.92 -1.90
N CYS A 83 -3.02 7.04 -2.37
CA CYS A 83 -2.61 7.03 -3.76
C CYS A 83 -1.87 5.73 -4.07
N VAL A 84 -1.63 5.49 -5.35
CA VAL A 84 -0.88 4.34 -5.86
C VAL A 84 0.01 4.87 -6.99
N PRO A 85 1.07 4.13 -7.36
CA PRO A 85 1.58 2.84 -6.90
C PRO A 85 2.54 3.03 -5.70
N GLY A 87 5.69 4.22 -4.96
CA GLY A 87 6.39 5.44 -4.62
C GLY A 87 5.40 6.44 -4.01
N PRO A 88 4.29 6.72 -4.70
CA PRO A 88 3.32 7.68 -4.12
C PRO A 88 2.71 7.16 -2.82
N ALA A 89 2.34 5.86 -2.79
CA ALA A 89 1.74 5.31 -1.58
C ALA A 89 2.66 5.44 -0.39
N ARG A 90 3.94 5.13 -0.59
CA ARG A 90 4.88 5.19 0.53
C ARG A 90 5.22 6.64 0.90
N ALA A 91 5.18 7.58 -0.06
CA ALA A 91 5.29 8.98 0.31
C ALA A 91 4.15 9.38 1.24
N SER A 92 2.90 8.99 0.93
CA SER A 92 1.78 9.34 1.81
C SER A 92 1.91 8.67 3.17
N LEU A 93 2.26 7.37 3.18
CA LEU A 93 2.40 6.66 4.44
C LEU A 93 3.46 7.30 5.35
N LEU A 94 4.58 7.71 4.76
CA LEU A 94 5.73 8.13 5.55
C LEU A 94 5.81 9.64 5.73
N THR A 95 4.83 10.41 5.23
CA THR A 95 4.77 11.83 5.52
C THR A 95 3.43 12.24 6.16
N GLY A 96 2.40 11.38 6.11
CA GLY A 96 1.09 11.82 6.56
C GLY A 96 0.45 12.85 5.66
N LEU A 97 0.88 12.94 4.40
CA LEU A 97 0.36 13.92 3.43
C LEU A 97 -0.35 13.24 2.27
N TYR A 98 -1.42 13.89 1.81
CA TYR A 98 -2.01 13.54 0.52
C TYR A 98 -1.00 13.80 -0.59
N LEU A 99 -1.17 13.09 -1.70
CA LEU A 99 -0.44 13.35 -2.94
C LEU A 99 -0.55 14.81 -3.38
N MET A 100 -1.69 15.46 -3.15
CA MET A 100 -1.83 16.88 -3.51
C MET A 100 -0.79 17.75 -2.82
N ASN A 101 -0.27 17.29 -1.67
CA ASN A 101 0.76 18.03 -0.95
C ASN A 101 2.15 17.43 -1.10
N HIS A 102 2.33 16.10 -1.06
CA HIS A 102 3.72 15.60 -1.14
C HIS A 102 4.29 15.71 -2.55
N ARG A 103 3.45 15.65 -3.60
CA ARG A 103 3.84 15.81 -4.99
C ARG A 103 4.76 14.72 -5.54
N ALA A 104 4.96 13.61 -4.82
CA ALA A 104 5.68 12.48 -5.41
C ALA A 104 4.63 11.67 -6.17
N VAL A 105 4.23 12.16 -7.35
CA VAL A 105 2.92 11.81 -7.91
C VAL A 105 2.95 10.50 -8.65
N GLN A 106 4.13 10.00 -9.01
CA GLN A 106 4.23 8.71 -9.68
C GLN A 106 5.57 8.09 -9.26
N ASN A 107 5.73 6.78 -9.48
CA ASN A 107 7.09 6.25 -9.39
C ASN A 107 7.97 7.05 -10.34
N THR A 108 9.24 7.22 -9.95
CA THR A 108 10.28 7.94 -10.69
C THR A 108 10.22 9.46 -10.52
N VAL A 109 9.25 10.00 -9.79
CA VAL A 109 9.11 11.45 -9.60
C VAL A 109 9.69 11.82 -8.22
N PRO A 110 10.56 12.83 -8.14
CA PRO A 110 11.19 13.16 -6.83
C PRO A 110 10.20 13.52 -5.73
N LEU A 111 10.59 13.20 -4.49
CA LEU A 111 9.97 13.71 -3.28
C LEU A 111 10.74 14.93 -2.76
N ASP A 112 10.07 16.08 -2.72
CA ASP A 112 10.66 17.33 -2.24
C ASP A 112 11.16 17.11 -0.80
N GLN A 113 12.40 17.55 -0.54
CA GLN A 113 12.98 17.38 0.79
C GLN A 113 12.29 18.21 1.87
N ARG A 114 11.44 19.17 1.49
CA ARG A 114 10.82 20.02 2.51
CA ARG A 114 10.82 20.02 2.51
C ARG A 114 9.86 19.25 3.40
N HIS A 115 9.30 18.15 2.92
CA HIS A 115 8.27 17.48 3.71
C HIS A 115 8.91 16.72 4.88
N LEU A 116 8.35 16.87 6.07
CA LEU A 116 8.84 16.13 7.23
C LEU A 116 8.41 14.67 7.12
N ASN A 117 9.33 13.73 7.19
CA ASN A 117 8.94 12.34 7.10
C ASN A 117 8.99 11.67 8.47
N LEU A 118 8.42 10.45 8.52
CA LEU A 118 8.33 9.71 9.77
C LEU A 118 9.70 9.43 10.39
N GLY A 119 10.71 9.16 9.57
CA GLY A 119 12.05 8.89 10.10
C GLY A 119 12.61 10.07 10.86
N LYS A 120 12.54 11.26 10.26
CA LYS A 120 13.02 12.46 10.95
C LYS A 120 12.16 12.77 12.17
N ALA A 121 10.85 12.58 12.07
CA ALA A 121 9.98 12.81 13.21
C ALA A 121 10.28 11.84 14.35
N LEU A 122 10.61 10.58 14.03
CA LEU A 122 10.99 9.62 15.08
C LEU A 122 12.25 10.07 15.81
N ARG A 123 13.25 10.57 15.06
CA ARG A 123 14.44 11.07 15.72
CA ARG A 123 14.45 11.08 15.71
C ARG A 123 14.11 12.19 16.69
N GLY A 124 13.08 12.98 16.36
CA GLY A 124 12.61 14.06 17.23
C GLY A 124 12.03 13.59 18.54
N VAL A 125 11.63 12.32 18.64
CA VAL A 125 11.18 11.77 19.90
C VAL A 125 12.19 10.79 20.48
N GLY A 126 13.42 10.81 19.98
CA GLY A 126 14.46 9.98 20.56
C GLY A 126 14.48 8.54 20.09
N TYR A 127 13.80 8.21 19.00
CA TYR A 127 13.78 6.85 18.48
C TYR A 127 14.65 6.74 17.24
N ASP A 128 15.38 5.63 17.15
CA ASP A 128 16.08 5.32 15.93
C ASP A 128 15.11 4.80 14.86
N PRO A 129 15.07 5.39 13.67
CA PRO A 129 14.02 5.02 12.67
C PRO A 129 14.48 3.84 11.83
N ALA A 130 14.62 2.67 12.48
CA ALA A 130 15.14 1.50 11.78
C ALA A 130 14.15 0.99 10.72
N LEU A 131 14.67 0.62 9.56
CA LEU A 131 13.84 0.24 8.41
C LEU A 131 14.40 -0.98 7.69
N ILE A 132 13.50 -1.94 7.44
CA ILE A 132 13.74 -3.11 6.61
C ILE A 132 12.80 -3.00 5.42
N GLY A 133 13.31 -3.33 4.24
CA GLY A 133 12.53 -3.35 3.02
C GLY A 133 12.95 -2.23 2.09
N TYR A 134 12.06 -1.27 1.82
CA TYR A 134 12.31 -0.22 0.82
C TYR A 134 11.25 0.86 0.99
N THR A 135 11.55 2.05 0.46
CA THR A 135 10.59 3.15 0.42
C THR A 135 10.30 3.67 -0.98
N THR A 136 11.11 3.34 -1.98
CA THR A 136 10.85 3.72 -3.38
C THR A 136 10.77 5.24 -3.53
N THR A 137 11.83 5.92 -3.06
CA THR A 137 11.84 7.38 -2.96
C THR A 137 12.89 7.93 -3.90
N VAL A 138 12.48 8.81 -4.80
CA VAL A 138 13.44 9.46 -5.69
C VAL A 138 13.95 10.71 -4.97
N PRO A 139 15.26 10.90 -4.85
CA PRO A 139 15.77 12.07 -4.14
C PRO A 139 15.42 13.40 -4.82
N ASP A 140 15.43 14.46 -4.03
CA ASP A 140 15.22 15.82 -4.52
C ASP A 140 16.46 16.23 -5.31
N PRO A 141 16.34 16.55 -6.61
CA PRO A 141 17.53 16.89 -7.40
C PRO A 141 18.27 18.13 -6.91
N ARG A 142 17.66 18.97 -6.08
CA ARG A 142 18.36 20.15 -5.58
C ARG A 142 19.35 19.78 -4.48
N THR A 143 19.36 18.53 -4.00
CA THR A 143 20.14 18.09 -2.84
C THR A 143 21.30 17.18 -3.22
N THR A 144 21.45 16.81 -4.48
CA THR A 144 22.45 15.81 -4.85
C THR A 144 22.86 16.02 -6.30
N SER A 145 23.94 15.37 -6.70
CA SER A 145 24.42 15.49 -8.08
C SER A 145 23.41 14.85 -9.04
N PRO A 146 23.22 15.45 -10.22
CA PRO A 146 22.41 14.77 -11.25
C PRO A 146 22.96 13.42 -11.68
N ASN A 147 24.22 13.09 -11.35
CA ASN A 147 24.82 11.80 -11.68
C ASN A 147 24.58 10.75 -10.62
N ASP A 148 23.91 11.11 -9.51
CA ASP A 148 23.71 10.19 -8.40
C ASP A 148 23.10 8.88 -8.92
N PRO A 149 23.65 7.71 -8.56
CA PRO A 149 23.08 6.44 -9.04
C PRO A 149 21.66 6.23 -8.58
N ARG A 150 21.22 6.93 -7.53
CA ARG A 150 19.85 6.82 -7.08
C ARG A 150 18.85 7.31 -8.12
N PHE A 151 19.28 8.03 -9.16
CA PHE A 151 18.39 8.45 -10.23
C PHE A 151 18.28 7.42 -11.35
N ARG A 152 18.89 6.24 -11.20
CA ARG A 152 18.83 5.19 -12.24
C ARG A 152 17.74 4.19 -11.99
N VAL A 153 17.12 4.24 -10.81
CA VAL A 153 16.19 3.24 -10.33
C VAL A 153 14.86 3.93 -10.03
N LEU A 154 13.85 3.11 -9.79
CA LEU A 154 12.52 3.60 -9.46
C LEU A 154 12.51 4.46 -8.22
N GLY A 155 13.42 4.23 -7.30
CA GLY A 155 13.54 5.00 -6.08
C GLY A 155 14.52 4.31 -5.15
N ASP A 156 15.01 5.02 -4.14
CA ASP A 156 15.90 4.43 -3.16
C ASP A 156 15.40 4.81 -1.77
N LEU A 157 16.23 4.64 -0.74
CA LEU A 157 15.76 4.87 0.62
C LEU A 157 15.49 6.35 0.87
N MET A 158 14.38 6.61 1.56
CA MET A 158 14.01 7.97 1.93
C MET A 158 15.00 8.52 2.95
N ASP A 159 15.42 9.77 2.74
CA ASP A 159 16.37 10.40 3.66
CA ASP A 159 16.37 10.41 3.65
C ASP A 159 15.79 10.45 5.06
N GLY A 160 16.60 10.06 6.06
CA GLY A 160 16.15 10.12 7.43
C GLY A 160 15.88 8.78 8.07
N PHE A 161 15.84 7.71 7.31
CA PHE A 161 15.68 6.39 7.91
C PHE A 161 17.05 5.73 8.13
N HIS A 162 17.06 4.77 9.06
CA HIS A 162 18.26 3.97 9.37
C HIS A 162 18.08 2.58 8.79
N PRO A 163 18.71 2.26 7.64
CA PRO A 163 18.44 0.95 6.99
C PRO A 163 19.14 -0.18 7.72
N VAL A 164 18.39 -1.23 8.06
CA VAL A 164 18.95 -2.42 8.68
C VAL A 164 18.58 -3.68 7.92
N GLY A 165 18.00 -3.51 6.73
CA GLY A 165 17.67 -4.68 5.94
C GLY A 165 17.09 -4.27 4.59
N ALA A 166 17.85 -3.52 3.81
CA ALA A 166 17.37 -2.96 2.57
C ALA A 166 17.31 -4.00 1.47
N PHE A 167 16.24 -3.96 0.66
CA PHE A 167 16.19 -4.78 -0.54
C PHE A 167 17.33 -4.38 -1.46
N GLU A 168 17.60 -3.06 -1.50
CA GLU A 168 18.69 -2.34 -2.15
C GLU A 168 18.29 -2.08 -3.59
N PRO A 169 18.97 -1.14 -4.27
CA PRO A 169 18.75 -0.99 -5.72
C PRO A 169 18.83 -2.34 -6.42
N ASN A 170 17.82 -2.63 -7.25
CA ASN A 170 17.80 -3.84 -8.08
C ASN A 170 17.83 -5.10 -7.23
N MET A 171 17.36 -5.01 -5.98
CA MET A 171 17.28 -6.15 -5.07
CA MET A 171 17.27 -6.14 -5.06
C MET A 171 18.64 -6.76 -4.76
N GLU A 172 19.72 -5.96 -4.91
CA GLU A 172 21.06 -6.48 -4.68
C GLU A 172 21.26 -6.98 -3.27
N GLY A 173 20.59 -6.35 -2.29
CA GLY A 173 20.77 -6.78 -0.92
C GLY A 173 20.28 -8.20 -0.75
N TYR A 174 19.12 -8.50 -1.34
CA TYR A 174 18.56 -9.84 -1.29
C TYR A 174 19.42 -10.84 -2.08
N PHE A 175 19.75 -10.51 -3.33
CA PHE A 175 20.53 -11.44 -4.13
C PHE A 175 21.90 -11.69 -3.52
N GLY A 176 22.55 -10.64 -2.99
CA GLY A 176 23.83 -10.88 -2.33
C GLY A 176 23.70 -11.84 -1.16
N TRP A 177 22.63 -11.70 -0.38
CA TRP A 177 22.37 -12.59 0.75
C TRP A 177 22.15 -14.03 0.27
N VAL A 178 21.44 -14.20 -0.87
CA VAL A 178 21.21 -15.56 -1.39
C VAL A 178 22.53 -16.17 -1.80
N ALA A 179 23.33 -15.39 -2.52
CA ALA A 179 24.63 -15.88 -2.99
C ALA A 179 25.56 -16.21 -1.82
N GLN A 180 25.60 -15.35 -0.80
CA GLN A 180 26.46 -15.61 0.36
C GLN A 180 26.00 -16.83 1.13
N ASN A 181 24.72 -17.16 1.07
CA ASN A 181 24.18 -18.39 1.63
C ASN A 181 24.51 -19.63 0.78
N GLY A 182 25.23 -19.47 -0.33
CA GLY A 182 25.73 -20.60 -1.09
C GLY A 182 24.81 -21.08 -2.19
N PHE A 183 23.75 -20.36 -2.50
CA PHE A 183 22.84 -20.76 -3.56
C PHE A 183 23.30 -20.14 -4.86
N ASP A 184 23.47 -20.96 -5.90
CA ASP A 184 23.94 -20.50 -7.20
C ASP A 184 22.80 -19.86 -7.96
N LEU A 185 22.95 -18.61 -8.30
CA LEU A 185 21.93 -17.83 -8.98
C LEU A 185 22.09 -17.92 -10.49
N PRO A 186 21.01 -17.82 -11.26
CA PRO A 186 21.13 -17.80 -12.72
C PRO A 186 21.71 -16.48 -13.20
N GLU A 187 22.12 -16.48 -14.47
CA GLU A 187 22.81 -15.32 -15.04
C GLU A 187 21.94 -14.06 -14.94
N HIS A 188 20.67 -14.18 -15.32
CA HIS A 188 19.68 -13.14 -15.08
C HIS A 188 18.99 -13.50 -13.77
N ARG A 189 19.31 -12.77 -12.71
CA ARG A 189 18.92 -13.21 -11.37
C ARG A 189 17.41 -13.33 -11.17
N PRO A 190 16.56 -12.47 -11.73
CA PRO A 190 15.12 -12.66 -11.57
C PRO A 190 14.60 -13.94 -12.19
N ASP A 191 15.40 -14.65 -12.98
CA ASP A 191 14.95 -15.96 -13.45
C ASP A 191 14.81 -16.99 -12.33
N ILE A 192 15.18 -16.68 -11.08
CA ILE A 192 14.77 -17.53 -9.98
C ILE A 192 13.25 -17.62 -9.88
N TRP A 193 12.52 -16.69 -10.50
CA TRP A 193 11.07 -16.67 -10.43
C TRP A 193 10.39 -17.25 -11.68
N LEU A 194 11.16 -17.86 -12.58
CA LEU A 194 10.54 -18.73 -13.58
C LEU A 194 9.99 -19.96 -12.87
N PRO A 195 8.91 -20.56 -13.38
CA PRO A 195 8.41 -21.79 -12.79
C PRO A 195 9.45 -22.89 -12.96
N GLU A 196 9.46 -23.80 -12.00
CA GLU A 196 10.42 -24.90 -12.01
C GLU A 196 10.26 -25.78 -13.25
N GLY A 197 11.39 -26.16 -13.84
CA GLY A 197 11.39 -27.07 -14.98
C GLY A 197 11.65 -26.39 -16.31
N GLU A 198 12.58 -26.92 -17.12
CA GLU A 198 12.94 -26.23 -18.37
C GLU A 198 11.76 -26.14 -19.33
N ASP A 199 10.81 -27.07 -19.24
CA ASP A 199 9.61 -27.09 -20.08
C ASP A 199 8.49 -26.18 -19.59
N ALA A 200 8.67 -25.47 -18.47
CA ALA A 200 7.57 -24.68 -17.92
C ALA A 200 7.20 -23.52 -18.84
N VAL A 201 5.91 -23.26 -18.95
CA VAL A 201 5.42 -22.08 -19.66
C VAL A 201 5.30 -20.94 -18.65
N ALA A 202 5.95 -19.83 -18.95
CA ALA A 202 5.87 -18.66 -18.07
C ALA A 202 4.45 -18.11 -18.07
N GLY A 203 4.00 -17.70 -16.88
CA GLY A 203 2.65 -17.20 -16.66
C GLY A 203 2.10 -17.72 -15.35
N ALA A 204 0.76 -17.70 -15.18
CA ALA A 204 0.16 -18.32 -14.00
C ALA A 204 0.54 -19.80 -13.99
N THR A 205 0.90 -20.31 -12.82
CA THR A 205 1.53 -21.63 -12.82
C THR A 205 1.13 -22.42 -11.59
N ASP A 206 1.07 -23.74 -11.75
CA ASP A 206 0.90 -24.68 -10.65
C ASP A 206 2.25 -25.23 -10.17
N ARG A 207 3.38 -24.71 -10.70
CA ARG A 207 4.72 -25.13 -10.31
C ARG A 207 5.32 -24.17 -9.32
N PRO A 208 6.28 -24.63 -8.50
CA PRO A 208 6.98 -23.71 -7.60
C PRO A 208 7.99 -22.87 -8.37
N SER A 209 8.47 -21.80 -7.74
CA SER A 209 9.58 -21.06 -8.30
C SER A 209 10.87 -21.85 -8.14
N ARG A 210 11.95 -21.27 -8.66
CA ARG A 210 13.26 -21.89 -8.64
C ARG A 210 14.11 -21.41 -7.46
N ILE A 211 13.50 -20.88 -6.40
CA ILE A 211 14.19 -20.47 -5.19
C ILE A 211 13.61 -21.26 -4.02
N PRO A 212 14.42 -21.95 -3.22
CA PRO A 212 13.87 -22.63 -2.03
C PRO A 212 13.34 -21.64 -1.00
N LYS A 213 12.39 -22.13 -0.20
CA LYS A 213 11.76 -21.33 0.85
C LYS A 213 12.81 -20.68 1.75
N GLU A 214 13.86 -21.42 2.10
CA GLU A 214 14.84 -20.88 3.05
C GLU A 214 15.66 -19.74 2.47
N PHE A 215 15.62 -19.53 1.15
CA PHE A 215 16.28 -18.39 0.53
C PHE A 215 15.30 -17.44 -0.15
N SER A 216 14.02 -17.47 0.23
CA SER A 216 13.02 -16.56 -0.32
C SER A 216 13.23 -15.15 0.20
N ASP A 217 12.63 -14.18 -0.51
CA ASP A 217 12.73 -12.79 -0.07
C ASP A 217 12.03 -12.57 1.27
N SER A 218 10.89 -13.24 1.50
CA SER A 218 10.25 -13.10 2.81
C SER A 218 11.16 -13.62 3.92
N THR A 219 11.87 -14.73 3.68
CA THR A 219 12.82 -15.20 4.68
C THR A 219 13.92 -14.17 4.93
N PHE A 220 14.42 -13.56 3.87
CA PHE A 220 15.46 -12.53 4.00
C PHE A 220 15.02 -11.39 4.92
N PHE A 221 13.85 -10.78 4.65
CA PHE A 221 13.43 -9.64 5.46
C PHE A 221 13.22 -10.07 6.91
N THR A 222 12.73 -11.29 7.11
CA THR A 222 12.53 -11.79 8.45
C THR A 222 13.84 -11.96 9.19
N GLU A 223 14.87 -12.49 8.51
CA GLU A 223 16.16 -12.64 9.18
C GLU A 223 16.75 -11.28 9.55
N ARG A 224 16.53 -10.26 8.72
CA ARG A 224 17.00 -8.94 9.07
C ARG A 224 16.25 -8.42 10.30
N ALA A 225 14.94 -8.71 10.40
CA ALA A 225 14.16 -8.25 11.56
C ALA A 225 14.67 -8.91 12.83
N LEU A 226 14.92 -10.23 12.77
CA LEU A 226 15.41 -10.92 13.95
C LEU A 226 16.80 -10.41 14.34
N THR A 227 17.68 -10.17 13.35
CA THR A 227 19.02 -9.64 13.63
C THR A 227 18.91 -8.29 14.34
N TYR A 228 18.02 -7.42 13.85
CA TYR A 228 17.89 -6.09 14.43
C TYR A 228 17.33 -6.18 15.84
N LEU A 229 16.28 -6.99 16.05
CA LEU A 229 15.70 -7.08 17.38
C LEU A 229 16.69 -7.71 18.36
N LYS A 230 17.44 -8.73 17.92
CA LYS A 230 18.44 -9.32 18.80
C LYS A 230 19.54 -8.32 19.16
N GLY A 231 19.91 -7.46 18.19
CA GLY A 231 20.88 -6.42 18.50
C GLY A 231 20.39 -5.40 19.50
N ARG A 232 19.07 -5.10 19.48
CA ARG A 232 18.52 -4.14 20.42
C ARG A 232 18.54 -4.65 21.84
N ASP A 233 18.40 -5.96 22.03
CA ASP A 233 18.56 -6.59 23.35
C ASP A 233 17.65 -5.95 24.41
N GLY A 234 16.39 -5.73 24.05
CA GLY A 234 15.42 -5.24 25.00
C GLY A 234 15.23 -3.74 25.02
N LYS A 235 16.12 -2.96 24.40
CA LYS A 235 16.00 -1.52 24.42
C LYS A 235 14.81 -1.10 23.56
N PRO A 236 14.21 0.07 23.84
CA PRO A 236 13.04 0.49 23.03
C PRO A 236 13.37 0.58 21.55
N PHE A 237 12.42 0.18 20.72
CA PHE A 237 12.63 0.18 19.27
C PHE A 237 11.44 0.78 18.52
N PHE A 238 11.76 1.38 17.38
CA PHE A 238 10.86 1.47 16.22
C PHE A 238 11.45 0.61 15.10
N LEU A 239 10.61 -0.22 14.46
CA LEU A 239 11.05 -0.95 13.28
C LEU A 239 9.95 -0.91 12.22
N HIS A 240 10.30 -0.42 11.04
CA HIS A 240 9.48 -0.56 9.82
C HIS A 240 9.90 -1.88 9.22
N LEU A 241 9.05 -2.90 9.36
CA LEU A 241 9.32 -4.24 8.85
C LEU A 241 8.58 -4.35 7.52
N GLY A 242 9.29 -4.11 6.42
CA GLY A 242 8.71 -4.22 5.08
C GLY A 242 8.89 -5.62 4.49
N TYR A 243 7.82 -6.12 3.88
CA TYR A 243 7.84 -7.32 3.05
C TYR A 243 7.50 -6.92 1.63
N TYR A 244 8.21 -7.54 0.67
CA TYR A 244 7.87 -7.38 -0.74
C TYR A 244 6.62 -8.18 -1.09
N ARG A 245 6.50 -9.42 -0.62
CA ARG A 245 5.35 -10.19 -1.01
C ARG A 245 4.10 -9.64 -0.32
N PRO A 246 2.91 -9.83 -0.92
CA PRO A 246 2.63 -10.59 -2.15
C PRO A 246 2.76 -9.81 -3.47
N HIS A 247 3.63 -8.78 -3.56
CA HIS A 247 3.93 -8.18 -4.85
C HIS A 247 4.36 -9.27 -5.83
N PRO A 248 4.08 -9.10 -7.14
CA PRO A 248 4.52 -10.10 -8.14
C PRO A 248 6.04 -10.12 -8.30
N PRO A 249 6.60 -11.12 -8.99
CA PRO A 249 5.92 -12.14 -9.81
C PRO A 249 5.12 -13.13 -8.98
N PHE A 250 3.94 -13.51 -9.47
CA PHE A 250 3.04 -14.42 -8.76
C PHE A 250 3.53 -15.85 -9.02
N VAL A 251 4.55 -16.21 -8.25
CA VAL A 251 5.16 -17.53 -8.21
C VAL A 251 5.68 -17.69 -6.78
N ALA A 252 5.60 -18.91 -6.24
CA ALA A 252 5.93 -19.12 -4.82
C ALA A 252 6.88 -20.28 -4.63
N SER A 253 7.73 -20.18 -3.62
CA SER A 253 8.58 -21.30 -3.23
C SER A 253 7.73 -22.48 -2.74
N ALA A 254 8.23 -23.69 -2.98
CA ALA A 254 7.54 -24.89 -2.50
C ALA A 254 7.53 -24.91 -0.97
N PRO A 255 6.43 -25.37 -0.35
CA PRO A 255 5.21 -25.87 -1.02
C PRO A 255 4.10 -24.84 -1.11
N TYR A 256 4.40 -23.55 -0.92
CA TYR A 256 3.36 -22.53 -0.95
C TYR A 256 2.71 -22.41 -2.31
N HIS A 257 3.39 -22.84 -3.37
CA HIS A 257 2.79 -22.81 -4.70
C HIS A 257 1.59 -23.73 -4.84
N ALA A 258 1.45 -24.71 -3.97
CA ALA A 258 0.45 -25.76 -4.11
C ALA A 258 -0.52 -25.79 -2.93
N MET A 259 -0.40 -24.83 -2.02
CA MET A 259 -1.13 -24.77 -0.77
C MET A 259 -2.62 -24.49 -0.95
N TYR A 260 -3.00 -23.78 -2.01
CA TYR A 260 -4.39 -23.43 -2.25
C TYR A 260 -4.86 -23.95 -3.61
N ARG A 261 -6.10 -24.46 -3.63
CA ARG A 261 -6.64 -24.96 -4.91
C ARG A 261 -7.26 -23.80 -5.68
N PRO A 262 -6.98 -23.69 -6.99
CA PRO A 262 -7.63 -22.63 -7.79
C PRO A 262 -9.13 -22.59 -7.65
N GLU A 263 -9.80 -23.75 -7.55
CA GLU A 263 -11.26 -23.75 -7.48
C GLU A 263 -11.82 -23.19 -6.18
N ASP A 264 -10.99 -23.03 -5.15
CA ASP A 264 -11.42 -22.50 -3.86
C ASP A 264 -11.25 -20.99 -3.79
N MET A 265 -10.77 -20.35 -4.84
CA MET A 265 -10.51 -18.91 -4.83
C MET A 265 -11.76 -18.11 -5.19
N PRO A 266 -11.88 -16.88 -4.68
CA PRO A 266 -12.98 -16.00 -5.13
C PRO A 266 -12.79 -15.67 -6.61
N ALA A 267 -13.93 -15.63 -7.35
CA ALA A 267 -13.87 -15.36 -8.77
C ALA A 267 -13.50 -13.90 -9.02
N PRO A 268 -12.71 -13.62 -10.06
CA PRO A 268 -12.53 -12.23 -10.50
C PRO A 268 -13.85 -11.63 -10.96
N ILE A 269 -13.95 -10.32 -10.81
CA ILE A 269 -15.15 -9.57 -11.14
C ILE A 269 -14.81 -8.67 -12.31
N ARG A 270 -15.45 -8.90 -13.45
CA ARG A 270 -15.09 -8.15 -14.65
C ARG A 270 -16.26 -8.16 -15.64
N ALA A 271 -16.20 -7.25 -16.61
CA ALA A 271 -17.27 -7.07 -17.58
C ALA A 271 -17.29 -8.23 -18.58
N ALA A 272 -18.25 -8.20 -19.52
CA ALA A 272 -18.45 -9.36 -20.40
C ALA A 272 -17.23 -9.63 -21.27
N ASN A 273 -16.50 -8.59 -21.65
CA ASN A 273 -15.28 -8.74 -22.43
C ASN A 273 -14.44 -7.47 -22.24
N PRO A 274 -13.18 -7.47 -22.68
CA PRO A 274 -12.35 -6.29 -22.44
C PRO A 274 -12.84 -5.04 -23.14
N ASP A 275 -13.46 -5.15 -24.31
CA ASP A 275 -13.93 -3.95 -24.99
C ASP A 275 -15.08 -3.28 -24.23
N ILE A 276 -16.02 -4.08 -23.74
CA ILE A 276 -17.10 -3.50 -22.96
C ILE A 276 -16.56 -2.88 -21.68
N GLU A 277 -15.60 -3.55 -21.03
CA GLU A 277 -14.94 -2.97 -19.86
C GLU A 277 -14.32 -1.62 -20.21
N ALA A 278 -13.55 -1.57 -21.30
CA ALA A 278 -12.78 -0.38 -21.63
C ALA A 278 -13.67 0.79 -22.00
N ALA A 279 -14.91 0.52 -22.45
CA ALA A 279 -15.81 1.60 -22.88
C ALA A 279 -16.18 2.52 -21.72
N GLN A 280 -16.00 2.09 -20.47
CA GLN A 280 -16.41 2.94 -19.35
C GLN A 280 -15.69 4.28 -19.34
N HIS A 281 -14.39 4.30 -19.66
CA HIS A 281 -13.60 5.52 -19.52
C HIS A 281 -12.30 5.35 -20.30
N PRO A 282 -11.76 6.43 -20.88
CA PRO A 282 -10.46 6.31 -21.59
C PRO A 282 -9.32 5.78 -20.74
N LEU A 283 -9.27 6.11 -19.44
CA LEU A 283 -8.19 5.58 -18.62
C LEU A 283 -8.31 4.08 -18.45
N MET A 284 -9.56 3.59 -18.28
CA MET A 284 -9.78 2.15 -18.20
C MET A 284 -9.31 1.48 -19.48
N LYS A 285 -9.65 2.08 -20.63
CA LYS A 285 -9.21 1.50 -21.90
C LYS A 285 -7.69 1.47 -21.99
N PHE A 286 -7.01 2.54 -21.58
CA PHE A 286 -5.54 2.54 -21.65
C PHE A 286 -4.95 1.34 -20.91
N TYR A 287 -5.40 1.09 -19.67
CA TYR A 287 -4.81 0.01 -18.88
C TYR A 287 -5.25 -1.36 -19.37
N VAL A 288 -6.54 -1.54 -19.73
CA VAL A 288 -6.96 -2.84 -20.31
C VAL A 288 -6.10 -3.17 -21.53
N ASP A 289 -5.84 -2.18 -22.39
CA ASP A 289 -5.08 -2.43 -23.62
C ASP A 289 -3.60 -2.67 -23.33
N SER A 290 -3.02 -1.95 -22.36
CA SER A 290 -1.57 -1.90 -22.26
C SER A 290 -0.94 -2.87 -21.27
N ILE A 291 -1.64 -3.33 -20.24
CA ILE A 291 -0.99 -4.11 -19.18
C ILE A 291 -0.55 -5.47 -19.74
N ARG A 292 0.69 -5.87 -19.44
CA ARG A 292 1.29 -7.08 -19.97
C ARG A 292 1.47 -8.12 -18.88
N ARG A 293 1.30 -9.39 -19.26
CA ARG A 293 1.49 -10.50 -18.32
C ARG A 293 2.92 -10.52 -17.76
N GLY A 294 3.92 -10.10 -18.53
CA GLY A 294 5.32 -10.14 -18.05
C GLY A 294 5.57 -9.25 -16.85
N SER A 295 4.69 -8.29 -16.59
CA SER A 295 4.82 -7.47 -15.40
C SER A 295 4.33 -8.19 -14.15
N PHE A 296 3.75 -9.38 -14.31
CA PHE A 296 3.13 -10.11 -13.20
C PHE A 296 3.62 -11.53 -13.05
N PHE A 297 4.24 -12.12 -14.07
CA PHE A 297 4.79 -13.47 -14.04
C PHE A 297 6.08 -13.39 -14.81
N GLN A 298 7.15 -13.91 -14.22
CA GLN A 298 8.48 -13.76 -14.82
C GLN A 298 8.53 -14.43 -16.18
N GLY A 299 8.94 -13.66 -17.20
CA GLY A 299 9.12 -14.18 -18.55
C GLY A 299 7.85 -14.37 -19.37
N ALA A 300 6.68 -13.99 -18.84
CA ALA A 300 5.42 -14.30 -19.50
C ALA A 300 5.19 -13.36 -20.67
N GLU A 301 4.45 -13.86 -21.67
CA GLU A 301 4.09 -13.09 -22.85
C GLU A 301 2.58 -12.91 -22.88
N GLY A 302 2.14 -11.85 -23.54
CA GLY A 302 0.73 -11.59 -23.79
C GLY A 302 0.16 -10.51 -22.87
N SER A 303 -1.13 -10.26 -23.07
CA SER A 303 -1.80 -9.20 -22.33
CA SER A 303 -1.85 -9.20 -22.35
C SER A 303 -2.46 -9.73 -21.06
N GLY A 304 -2.48 -8.89 -20.03
CA GLY A 304 -3.16 -9.27 -18.81
C GLY A 304 -4.64 -9.51 -19.02
N ALA A 305 -5.27 -8.70 -19.88
CA ALA A 305 -6.73 -8.74 -20.02
C ALA A 305 -7.24 -10.04 -20.63
N THR A 306 -6.40 -10.80 -21.33
CA THR A 306 -6.81 -12.03 -21.99
C THR A 306 -6.63 -13.28 -21.14
N LEU A 307 -6.20 -13.14 -19.88
CA LEU A 307 -6.16 -14.30 -18.98
C LEU A 307 -7.57 -14.86 -18.82
N ASP A 308 -7.66 -16.19 -18.82
CA ASP A 308 -8.98 -16.82 -18.68
C ASP A 308 -9.28 -17.03 -17.19
N GLU A 309 -10.48 -17.51 -16.89
CA GLU A 309 -10.89 -17.63 -15.51
C GLU A 309 -10.02 -18.63 -14.75
N ALA A 310 -9.65 -19.73 -15.40
CA ALA A 310 -8.79 -20.71 -14.73
C ALA A 310 -7.41 -20.12 -14.44
N GLU A 311 -6.83 -19.39 -15.39
CA GLU A 311 -5.54 -18.76 -15.15
C GLU A 311 -5.62 -17.75 -14.01
N LEU A 312 -6.69 -16.95 -13.96
CA LEU A 312 -6.85 -15.99 -12.88
C LEU A 312 -7.05 -16.67 -11.55
N ARG A 313 -7.76 -17.81 -11.52
CA ARG A 313 -7.90 -18.54 -10.26
CA ARG A 313 -7.91 -18.57 -10.29
C ARG A 313 -6.58 -19.11 -9.80
N GLN A 314 -5.76 -19.63 -10.73
CA GLN A 314 -4.41 -20.09 -10.34
C GLN A 314 -3.57 -18.92 -9.83
N MET A 315 -3.62 -17.77 -10.52
CA MET A 315 -2.91 -16.60 -10.04
C MET A 315 -3.34 -16.26 -8.61
N ARG A 316 -4.65 -16.30 -8.34
CA ARG A 316 -5.12 -15.98 -7.00
C ARG A 316 -4.65 -17.01 -5.97
N ALA A 317 -4.61 -18.29 -6.35
CA ALA A 317 -4.13 -19.31 -5.42
C ALA A 317 -2.64 -19.11 -5.10
N THR A 318 -1.84 -18.72 -6.10
CA THR A 318 -0.41 -18.46 -5.85
C THR A 318 -0.23 -17.23 -4.98
N TYR A 319 -1.03 -16.18 -5.25
CA TYR A 319 -1.04 -14.97 -4.43
C TYR A 319 -1.34 -15.31 -2.97
N CYS A 320 -2.31 -16.20 -2.72
CA CYS A 320 -2.58 -16.62 -1.34
C CYS A 320 -1.40 -17.35 -0.74
N GLY A 321 -0.72 -18.19 -1.55
CA GLY A 321 0.48 -18.86 -1.04
C GLY A 321 1.56 -17.89 -0.59
N LEU A 322 1.76 -16.80 -1.36
CA LEU A 322 2.75 -15.79 -0.97
C LEU A 322 2.32 -15.10 0.31
N ILE A 323 1.01 -14.83 0.46
CA ILE A 323 0.49 -14.26 1.69
C ILE A 323 0.76 -15.17 2.89
N THR A 324 0.48 -16.46 2.76
CA THR A 324 0.70 -17.36 3.88
C THR A 324 2.18 -17.49 4.22
N GLU A 325 3.07 -17.43 3.21
CA GLU A 325 4.51 -17.38 3.53
C GLU A 325 4.85 -16.15 4.39
N VAL A 326 4.33 -14.96 4.02
CA VAL A 326 4.55 -13.80 4.87
C VAL A 326 4.03 -14.06 6.27
N ASP A 327 2.82 -14.64 6.39
CA ASP A 327 2.26 -14.88 7.72
C ASP A 327 3.13 -15.85 8.52
N ASP A 328 3.64 -16.91 7.88
CA ASP A 328 4.57 -17.82 8.57
C ASP A 328 5.78 -17.04 9.09
N CYS A 329 6.33 -16.15 8.26
CA CYS A 329 7.48 -15.37 8.67
C CYS A 329 7.14 -14.46 9.84
N LEU A 330 5.98 -13.81 9.80
CA LEU A 330 5.59 -12.96 10.93
C LEU A 330 5.53 -13.77 12.22
N GLY A 331 5.12 -15.05 12.12
CA GLY A 331 5.13 -15.88 13.30
C GLY A 331 6.50 -15.99 13.95
N ARG A 332 7.57 -15.96 13.16
CA ARG A 332 8.91 -16.01 13.76
C ARG A 332 9.23 -14.71 14.49
N VAL A 333 8.85 -13.57 13.92
CA VAL A 333 9.07 -12.28 14.58
C VAL A 333 8.26 -12.23 15.86
N PHE A 334 6.99 -12.64 15.79
CA PHE A 334 6.12 -12.57 16.97
C PHE A 334 6.66 -13.51 18.05
N SER A 335 7.20 -14.66 17.64
CA SER A 335 7.75 -15.60 18.63
C SER A 335 8.91 -14.99 19.40
N TYR A 336 9.78 -14.23 18.71
CA TYR A 336 10.88 -13.57 19.40
C TYR A 336 10.37 -12.52 20.38
N LEU A 337 9.34 -11.75 19.98
CA LEU A 337 8.74 -10.79 20.91
C LEU A 337 8.10 -11.49 22.11
N ASP A 338 7.44 -12.63 21.90
CA ASP A 338 6.84 -13.34 23.03
C ASP A 338 7.94 -13.85 23.97
N GLU A 339 9.01 -14.46 23.41
CA GLU A 339 10.00 -15.11 24.26
C GLU A 339 10.80 -14.11 25.07
N THR A 340 10.93 -12.86 24.59
CA THR A 340 11.67 -11.84 25.32
C THR A 340 10.74 -10.95 26.14
N GLY A 341 9.45 -11.26 26.17
CA GLY A 341 8.53 -10.52 27.00
C GLY A 341 8.21 -9.12 26.51
N GLN A 342 8.30 -8.90 25.20
CA GLN A 342 8.11 -7.56 24.64
C GLN A 342 6.76 -7.37 23.95
N TRP A 343 5.99 -8.45 23.75
CA TRP A 343 4.76 -8.35 22.99
C TRP A 343 3.81 -7.31 23.58
N ASP A 344 3.64 -7.32 24.91
CA ASP A 344 2.70 -6.42 25.56
C ASP A 344 3.23 -5.01 25.69
N ASP A 345 4.50 -4.78 25.30
CA ASP A 345 5.08 -3.44 25.30
C ASP A 345 5.11 -2.83 23.91
N THR A 346 4.59 -3.51 22.89
CA THR A 346 4.77 -3.14 21.49
C THR A 346 3.45 -2.77 20.84
N LEU A 347 3.39 -1.55 20.30
CA LEU A 347 2.31 -1.18 19.38
C LEU A 347 2.62 -1.84 18.04
N ILE A 348 1.75 -2.76 17.59
CA ILE A 348 1.95 -3.41 16.30
C ILE A 348 0.90 -2.88 15.32
N ILE A 349 1.36 -2.35 14.19
CA ILE A 349 0.50 -1.87 13.12
C ILE A 349 0.79 -2.73 11.89
N PHE A 350 -0.23 -3.42 11.35
CA PHE A 350 -0.08 -4.18 10.12
C PHE A 350 -0.84 -3.46 9.02
N THR A 351 -0.17 -3.21 7.89
CA THR A 351 -0.83 -2.56 6.76
C THR A 351 -0.10 -2.93 5.47
N SER A 352 -0.65 -2.44 4.35
CA SER A 352 -0.03 -2.61 3.04
C SER A 352 0.16 -1.22 2.41
N ASP A 353 1.10 -1.09 1.46
CA ASP A 353 1.20 0.17 0.73
C ASP A 353 -0.02 0.43 -0.16
N HIS A 354 -0.56 -0.60 -0.79
CA HIS A 354 -1.68 -0.47 -1.73
C HIS A 354 -2.23 -1.86 -1.99
N GLY A 355 -3.32 -1.93 -2.74
CA GLY A 355 -3.95 -3.17 -3.12
C GLY A 355 -3.48 -3.71 -4.45
N GLU A 356 -4.38 -4.43 -5.13
CA GLU A 356 -4.09 -5.18 -6.34
C GLU A 356 -5.41 -5.53 -7.03
N GLN A 357 -5.49 -5.26 -8.33
CA GLN A 357 -6.72 -5.57 -9.07
C GLN A 357 -6.94 -7.08 -9.17
N LEU A 358 -5.87 -7.87 -9.35
CA LEU A 358 -5.97 -9.32 -9.33
C LEU A 358 -7.00 -9.87 -10.33
N GLY A 359 -7.11 -9.22 -11.47
CA GLY A 359 -8.03 -9.61 -12.51
C GLY A 359 -9.33 -8.85 -12.52
N ASP A 360 -9.67 -8.16 -11.43
CA ASP A 360 -10.90 -7.40 -11.43
C ASP A 360 -10.86 -6.32 -12.49
N HIS A 361 -11.97 -6.19 -13.23
CA HIS A 361 -12.09 -5.19 -14.29
C HIS A 361 -11.06 -5.40 -15.40
N HIS A 362 -10.64 -6.66 -15.61
CA HIS A 362 -9.68 -7.03 -16.63
C HIS A 362 -8.30 -6.47 -16.35
N LEU A 363 -8.03 -5.99 -15.13
CA LEU A 363 -6.77 -5.32 -14.81
C LEU A 363 -5.92 -6.21 -13.89
N LEU A 364 -4.60 -6.02 -13.99
CA LEU A 364 -3.59 -6.50 -13.03
C LEU A 364 -2.85 -5.28 -12.53
N GLY A 365 -2.52 -5.26 -11.25
CA GLY A 365 -1.71 -4.18 -10.71
C GLY A 365 -2.47 -3.20 -9.85
N LYS A 366 -1.88 -2.02 -9.67
CA LYS A 366 -2.41 -0.99 -8.77
C LYS A 366 -2.43 0.32 -9.56
N ILE A 367 -3.58 0.60 -10.18
CA ILE A 367 -3.73 1.65 -11.17
C ILE A 367 -5.18 2.11 -11.14
N GLY A 368 -5.41 3.33 -11.62
CA GLY A 368 -6.77 3.77 -11.93
C GLY A 368 -7.54 4.25 -10.72
N TYR A 369 -8.79 3.81 -10.62
CA TYR A 369 -9.71 4.34 -9.62
C TYR A 369 -10.54 3.30 -8.87
N ASN A 370 -10.41 1.99 -9.19
CA ASN A 370 -11.29 1.01 -8.56
C ASN A 370 -10.88 0.71 -7.12
N ASP A 371 -11.88 0.40 -6.28
CA ASP A 371 -11.66 0.03 -4.88
C ASP A 371 -10.52 -0.97 -4.68
N PRO A 372 -10.41 -2.07 -5.44
CA PRO A 372 -9.38 -3.09 -5.08
C PRO A 372 -7.95 -2.57 -5.16
N SER A 373 -7.66 -1.51 -5.93
CA SER A 373 -6.30 -0.97 -5.95
C SER A 373 -5.98 -0.17 -4.69
N PHE A 374 -7.00 0.40 -4.04
CA PHE A 374 -6.78 1.34 -2.93
C PHE A 374 -7.15 0.82 -1.55
N ARG A 375 -8.12 -0.11 -1.44
CA ARG A 375 -8.47 -0.67 -0.14
C ARG A 375 -7.36 -1.57 0.37
N ILE A 376 -6.99 -1.40 1.64
CA ILE A 376 -5.83 -2.13 2.18
C ILE A 376 -6.12 -2.56 3.61
N PRO A 377 -5.46 -3.62 4.08
CA PRO A 377 -5.62 -4.01 5.48
C PRO A 377 -5.07 -2.92 6.40
N LEU A 378 -5.59 -2.87 7.63
CA LEU A 378 -4.99 -2.12 8.73
C LEU A 378 -5.46 -2.76 10.02
N VAL A 379 -4.52 -3.30 10.80
CA VAL A 379 -4.83 -3.89 12.09
C VAL A 379 -3.86 -3.27 13.08
N ILE A 380 -4.36 -2.86 14.25
CA ILE A 380 -3.53 -2.19 15.25
C ILE A 380 -3.73 -2.85 16.61
N LYS A 381 -2.64 -3.35 17.19
CA LYS A 381 -2.65 -3.92 18.53
C LYS A 381 -1.86 -2.96 19.43
N ASP A 382 -2.55 -2.36 20.39
CA ASP A 382 -1.95 -1.49 21.39
C ASP A 382 -1.10 -2.34 22.36
N ALA A 383 -0.27 -1.65 23.15
CA ALA A 383 0.39 -2.34 24.26
C ALA A 383 -0.66 -2.80 25.28
N GLY A 384 -0.38 -3.91 25.94
CA GLY A 384 -1.24 -4.40 27.03
C GLY A 384 -2.55 -5.01 26.52
N GLU A 385 -3.50 -5.17 27.43
CA GLU A 385 -4.81 -5.72 27.05
C GLU A 385 -5.63 -4.62 26.38
N ASN A 386 -5.99 -4.82 25.11
CA ASN A 386 -6.61 -3.78 24.31
C ASN A 386 -8.10 -3.61 24.63
N ALA A 387 -8.55 -2.37 24.81
CA ALA A 387 -9.93 -2.13 25.24
C ALA A 387 -10.94 -2.63 24.23
N ARG A 388 -10.59 -2.61 22.94
CA ARG A 388 -11.47 -3.04 21.86
C ARG A 388 -10.96 -4.29 21.17
N ALA A 389 -10.26 -5.16 21.91
CA ALA A 389 -9.70 -6.36 21.29
C ALA A 389 -10.76 -7.11 20.52
N GLY A 390 -10.46 -7.41 19.25
CA GLY A 390 -11.36 -8.17 18.40
C GLY A 390 -12.31 -7.35 17.58
N ALA A 391 -12.40 -6.04 17.83
CA ALA A 391 -13.40 -5.24 17.16
C ALA A 391 -13.02 -4.98 15.72
N ILE A 392 -14.05 -4.79 14.89
CA ILE A 392 -13.89 -4.38 13.50
C ILE A 392 -14.52 -2.99 13.37
N GLU A 393 -13.71 -2.02 12.92
CA GLU A 393 -14.08 -0.62 12.85
C GLU A 393 -14.46 -0.25 11.41
N SER A 394 -15.66 0.32 11.24
CA SER A 394 -16.11 0.80 9.92
C SER A 394 -15.82 2.27 9.66
N GLY A 395 -15.35 3.03 10.66
CA GLY A 395 -14.93 4.39 10.40
C GLY A 395 -13.92 4.47 9.26
N PHE A 396 -13.95 5.55 8.50
CA PHE A 396 -13.18 5.66 7.26
C PHE A 396 -11.76 6.15 7.59
N THR A 397 -10.76 5.32 7.32
CA THR A 397 -9.37 5.65 7.67
C THR A 397 -8.52 5.65 6.42
N GLU A 398 -7.43 6.42 6.46
CA GLU A 398 -6.60 6.65 5.30
C GLU A 398 -5.14 6.50 5.73
N SER A 399 -4.29 6.12 4.77
CA SER A 399 -2.90 5.80 5.13
C SER A 399 -2.17 6.99 5.73
N ILE A 400 -2.58 8.23 5.39
CA ILE A 400 -2.01 9.43 6.00
C ILE A 400 -2.22 9.50 7.50
N ASP A 401 -3.11 8.67 8.09
CA ASP A 401 -3.36 8.67 9.52
C ASP A 401 -2.30 7.89 10.29
N VAL A 402 -1.50 7.05 9.60
CA VAL A 402 -0.60 6.12 10.30
C VAL A 402 0.56 6.88 10.98
N MET A 403 1.22 7.79 10.27
CA MET A 403 2.31 8.55 10.89
C MET A 403 1.84 9.36 12.09
N PRO A 404 0.72 10.14 12.00
CA PRO A 404 0.22 10.81 13.19
C PRO A 404 -0.06 9.86 14.34
N THR A 405 -0.60 8.66 14.03
CA THR A 405 -0.90 7.69 15.09
C THR A 405 0.36 7.29 15.85
N ILE A 406 1.45 6.97 15.11
CA ILE A 406 2.68 6.51 15.74
C ILE A 406 3.28 7.63 16.59
N LEU A 407 3.33 8.86 16.05
CA LEU A 407 3.93 9.96 16.80
C LEU A 407 3.11 10.29 18.04
N ASP A 408 1.78 10.28 17.91
CA ASP A 408 0.92 10.50 19.07
C ASP A 408 1.22 9.45 20.15
N TRP A 409 1.32 8.18 19.74
CA TRP A 409 1.52 7.11 20.70
C TRP A 409 2.84 7.24 21.45
N LEU A 410 3.88 7.75 20.77
CA LEU A 410 5.19 7.94 21.38
C LEU A 410 5.31 9.27 22.11
N GLY A 411 4.24 10.05 22.20
CA GLY A 411 4.30 11.26 23.00
C GLY A 411 4.77 12.47 22.23
N GLY A 412 4.94 12.36 20.92
CA GLY A 412 5.28 13.50 20.10
C GLY A 412 4.10 14.39 19.74
N LYS A 413 4.44 15.58 19.24
CA LYS A 413 3.45 16.43 18.61
C LYS A 413 3.27 16.00 17.16
N ILE A 414 2.03 15.96 16.70
CA ILE A 414 1.79 15.68 15.28
C ILE A 414 2.20 16.92 14.47
N PRO A 415 3.06 16.80 13.45
CA PRO A 415 3.46 17.98 12.67
C PRO A 415 2.25 18.72 12.13
N HIS A 416 2.34 20.05 12.16
CA HIS A 416 1.28 20.92 11.64
C HIS A 416 0.92 20.54 10.21
N ALA A 417 1.91 20.16 9.42
CA ALA A 417 1.64 19.97 8.00
C ALA A 417 0.85 18.71 7.70
N CYS A 418 0.81 17.72 8.59
CA CYS A 418 0.16 16.47 8.21
C CYS A 418 -1.31 16.66 7.89
N ASP A 419 -1.74 15.91 6.86
CA ASP A 419 -3.14 15.85 6.47
C ASP A 419 -3.91 14.85 7.32
N GLY A 420 -3.24 13.79 7.78
CA GLY A 420 -3.89 12.73 8.53
C GLY A 420 -4.08 13.07 9.99
N LEU A 421 -4.81 12.22 10.71
CA LEU A 421 -5.07 12.38 12.14
CA LEU A 421 -5.07 12.37 12.14
C LEU A 421 -4.75 11.09 12.87
N SER A 422 -4.39 11.23 14.15
CA SER A 422 -4.14 10.04 14.96
C SER A 422 -5.37 9.14 15.09
N LEU A 423 -5.14 7.83 14.97
CA LEU A 423 -6.17 6.81 15.15
C LEU A 423 -6.31 6.35 16.59
N LEU A 424 -5.51 6.86 17.51
CA LEU A 424 -5.57 6.37 18.88
C LEU A 424 -6.97 6.43 19.52
N PRO A 425 -7.81 7.43 19.25
CA PRO A 425 -9.17 7.38 19.83
C PRO A 425 -9.94 6.11 19.47
N PHE A 426 -9.70 5.57 18.28
CA PHE A 426 -10.38 4.33 17.88
C PHE A 426 -9.98 3.14 18.72
N LEU A 427 -8.82 3.18 19.39
CA LEU A 427 -8.40 2.05 20.23
C LEU A 427 -9.00 2.09 21.63
N SER A 428 -9.58 3.24 22.01
CA SER A 428 -10.15 3.40 23.33
CA SER A 428 -10.15 3.40 23.33
C SER A 428 -11.66 3.56 23.16
N GLU A 429 -12.17 4.78 22.98
CA GLU A 429 -13.62 4.97 22.98
C GLU A 429 -14.28 4.76 21.62
N GLY A 430 -13.53 4.82 20.53
CA GLY A 430 -14.09 4.60 19.21
C GLY A 430 -13.99 5.82 18.32
N ARG A 431 -14.75 5.79 17.24
CA ARG A 431 -14.71 6.84 16.23
C ARG A 431 -15.04 8.22 16.81
N PRO A 432 -14.17 9.23 16.66
CA PRO A 432 -14.52 10.58 17.13
C PRO A 432 -15.77 11.11 16.43
N GLN A 433 -16.53 11.93 17.16
CA GLN A 433 -17.78 12.45 16.61
C GLN A 433 -17.56 13.29 15.36
N ASP A 434 -16.40 13.95 15.25
CA ASP A 434 -16.07 14.82 14.13
C ASP A 434 -15.11 14.17 13.15
N TRP A 435 -15.03 12.84 13.14
CA TRP A 435 -14.18 12.13 12.21
C TRP A 435 -14.68 12.35 10.77
N ARG A 436 -13.81 12.12 9.78
CA ARG A 436 -14.24 12.26 8.39
C ARG A 436 -15.41 11.32 8.07
N THR A 437 -16.21 11.75 7.11
CA THR A 437 -17.40 11.01 6.67
C THR A 437 -17.27 10.50 5.26
N GLU A 438 -16.15 10.74 4.58
CA GLU A 438 -15.86 10.16 3.27
C GLU A 438 -14.41 9.67 3.29
N LEU A 439 -14.13 8.67 2.44
CA LEU A 439 -12.79 8.25 2.07
C LEU A 439 -12.32 9.07 0.88
N HIS A 440 -10.99 9.31 0.78
CA HIS A 440 -10.42 10.09 -0.30
C HIS A 440 -9.14 9.44 -0.80
N TYR A 441 -8.94 9.45 -2.11
CA TYR A 441 -7.67 9.06 -2.70
C TYR A 441 -7.44 9.75 -4.03
N GLU A 442 -6.22 9.63 -4.55
CA GLU A 442 -5.79 10.31 -5.75
C GLU A 442 -4.95 9.37 -6.61
N TYR A 443 -4.93 9.63 -7.91
CA TYR A 443 -4.06 8.92 -8.83
C TYR A 443 -3.59 9.86 -9.92
N ASP A 444 -2.29 9.86 -10.18
CA ASP A 444 -1.68 10.67 -11.23
C ASP A 444 -1.06 9.70 -12.22
N PHE A 445 -1.39 9.86 -13.50
CA PHE A 445 -0.98 8.95 -14.55
C PHE A 445 -0.19 9.66 -15.64
N ARG A 446 0.55 10.72 -15.30
CA ARG A 446 1.47 11.31 -16.28
C ARG A 446 2.56 10.32 -16.68
N ASP A 447 3.17 10.55 -17.85
CA ASP A 447 4.13 9.60 -18.44
C ASP A 447 5.32 9.32 -17.53
N VAL A 448 5.65 8.04 -17.38
CA VAL A 448 6.90 7.58 -16.78
C VAL A 448 7.52 6.59 -17.78
N TYR A 449 8.75 6.15 -17.50
CA TYR A 449 9.52 5.55 -18.60
C TYR A 449 8.89 4.25 -19.11
N TYR A 450 8.15 3.54 -18.26
CA TYR A 450 7.58 2.24 -18.61
C TYR A 450 6.07 2.28 -18.86
N SER A 451 5.42 3.45 -18.74
CA SER A 451 3.97 3.56 -18.99
C SER A 451 3.67 5.00 -19.37
N GLU A 452 3.21 5.22 -20.61
CA GLU A 452 3.09 6.57 -21.16
C GLU A 452 1.72 6.79 -21.78
N PRO A 453 0.69 7.03 -20.97
CA PRO A 453 -0.65 7.20 -21.52
C PRO A 453 -0.93 8.56 -22.14
N GLN A 454 -0.04 9.56 -22.03
CA GLN A 454 -0.42 10.92 -22.40
C GLN A 454 -0.83 11.00 -23.86
N SER A 455 -0.08 10.38 -24.77
CA SER A 455 -0.42 10.50 -26.18
CA SER A 455 -0.42 10.50 -26.19
C SER A 455 -1.79 9.89 -26.48
N PHE A 456 -2.08 8.73 -25.88
CA PHE A 456 -3.35 8.09 -26.13
C PHE A 456 -4.49 8.93 -25.60
N LEU A 457 -4.30 9.53 -24.43
CA LEU A 457 -5.35 10.33 -23.78
C LEU A 457 -5.45 11.73 -24.35
N GLY A 458 -4.42 12.18 -25.07
CA GLY A 458 -4.38 13.54 -25.56
C GLY A 458 -4.12 14.61 -24.51
N LEU A 459 -3.39 14.30 -23.45
CA LEU A 459 -3.26 15.20 -22.30
C LEU A 459 -1.81 15.62 -22.07
N GLY A 460 -1.66 16.85 -21.55
CA GLY A 460 -0.38 17.30 -21.01
C GLY A 460 -0.16 16.78 -19.59
N MET A 461 1.12 16.87 -19.18
CA MET A 461 1.60 16.21 -17.99
C MET A 461 0.93 16.70 -16.72
N ASN A 462 0.52 17.99 -16.67
CA ASN A 462 -0.09 18.53 -15.46
C ASN A 462 -1.61 18.35 -15.42
N ASP A 463 -2.17 17.61 -16.40
CA ASP A 463 -3.61 17.40 -16.55
C ASP A 463 -3.99 15.94 -16.36
N CYS A 464 -3.04 15.07 -16.01
CA CYS A 464 -3.22 13.63 -15.92
C CYS A 464 -3.44 13.17 -14.48
N SER A 465 -4.48 13.67 -13.80
CA SER A 465 -4.79 13.20 -12.47
C SER A 465 -6.29 13.04 -12.26
N LEU A 466 -6.62 12.33 -11.19
CA LEU A 466 -7.98 12.17 -10.71
C LEU A 466 -7.98 12.20 -9.18
N CYS A 467 -9.13 12.49 -8.60
CA CYS A 467 -9.36 12.27 -7.18
C CYS A 467 -10.68 11.53 -7.00
N VAL A 468 -10.79 10.83 -5.88
CA VAL A 468 -11.95 10.00 -5.57
C VAL A 468 -12.45 10.38 -4.19
N ILE A 469 -13.77 10.47 -4.06
CA ILE A 469 -14.43 10.62 -2.77
C ILE A 469 -15.55 9.60 -2.69
N GLN A 470 -15.69 8.91 -1.55
CA GLN A 470 -16.73 7.90 -1.46
C GLN A 470 -17.15 7.66 -0.03
N ASP A 471 -18.36 7.10 0.13
CA ASP A 471 -18.86 6.72 1.44
C ASP A 471 -19.56 5.37 1.26
N GLU A 472 -20.42 4.99 2.23
CA GLU A 472 -21.10 3.70 2.13
C GLU A 472 -22.05 3.62 0.94
N ARG A 473 -22.50 4.75 0.40
CA ARG A 473 -23.56 4.75 -0.61
C ARG A 473 -23.08 5.09 -2.00
N TYR A 474 -22.17 6.08 -2.13
CA TYR A 474 -21.81 6.60 -3.43
C TYR A 474 -20.30 6.77 -3.56
N LYS A 475 -19.82 6.72 -4.81
CA LYS A 475 -18.41 6.92 -5.14
C LYS A 475 -18.32 7.86 -6.33
N TYR A 476 -17.54 8.92 -6.19
CA TYR A 476 -17.36 9.92 -7.23
C TYR A 476 -15.89 9.96 -7.62
N VAL A 477 -15.61 9.80 -8.92
CA VAL A 477 -14.24 9.85 -9.48
C VAL A 477 -14.17 11.10 -10.34
N HIS A 478 -13.37 12.08 -9.93
CA HIS A 478 -13.26 13.32 -10.68
C HIS A 478 -11.92 13.37 -11.40
N PHE A 479 -11.94 13.42 -12.74
CA PHE A 479 -10.71 13.61 -13.53
C PHE A 479 -10.44 15.09 -13.80
N ALA A 480 -9.16 15.47 -13.77
CA ALA A 480 -8.80 16.85 -14.07
C ALA A 480 -9.26 17.24 -15.45
N ALA A 481 -9.12 16.34 -16.44
CA ALA A 481 -9.29 16.70 -17.85
C ALA A 481 -9.89 15.57 -18.68
N LEU A 482 -10.63 14.67 -18.05
CA LEU A 482 -11.37 13.60 -18.71
C LEU A 482 -12.74 13.50 -18.04
N PRO A 483 -13.67 12.68 -18.55
CA PRO A 483 -15.01 12.67 -17.95
C PRO A 483 -14.97 12.14 -16.53
N PRO A 484 -15.86 12.59 -15.67
CA PRO A 484 -15.97 12.05 -14.32
C PRO A 484 -16.78 10.74 -14.34
N LEU A 485 -16.72 10.02 -13.19
CA LEU A 485 -17.52 8.80 -13.01
C LEU A 485 -18.27 8.89 -11.68
N PHE A 486 -19.45 8.26 -11.63
CA PHE A 486 -20.22 8.22 -10.39
C PHE A 486 -20.88 6.86 -10.29
N PHE A 487 -20.75 6.23 -9.13
CA PHE A 487 -21.32 4.90 -8.89
C PHE A 487 -22.23 4.87 -7.67
N ASP A 488 -23.36 4.16 -7.81
CA ASP A 488 -24.25 3.84 -6.68
C ASP A 488 -23.75 2.51 -6.10
N LEU A 489 -23.05 2.56 -4.95
CA LEU A 489 -22.41 1.36 -4.44
C LEU A 489 -23.37 0.31 -3.88
N ARG A 490 -24.59 0.67 -3.50
CA ARG A 490 -25.49 -0.39 -3.04
C ARG A 490 -25.96 -1.23 -4.21
N HIS A 491 -26.34 -0.57 -5.29
CA HIS A 491 -26.85 -1.31 -6.44
C HIS A 491 -25.75 -1.80 -7.38
N ASP A 492 -24.57 -1.18 -7.31
CA ASP A 492 -23.50 -1.44 -8.26
C ASP A 492 -22.19 -1.47 -7.47
N PRO A 493 -22.04 -2.41 -6.53
CA PRO A 493 -20.84 -2.41 -5.66
C PRO A 493 -19.54 -2.58 -6.40
N ASN A 494 -19.57 -3.12 -7.62
CA ASN A 494 -18.36 -3.40 -8.39
C ASN A 494 -18.08 -2.37 -9.46
N GLU A 495 -18.80 -1.25 -9.48
CA GLU A 495 -18.34 -0.08 -10.25
C GLU A 495 -18.46 -0.32 -11.75
N PHE A 496 -19.55 -0.99 -12.18
CA PHE A 496 -19.76 -1.21 -13.61
C PHE A 496 -20.57 -0.14 -14.31
N THR A 497 -21.34 0.68 -13.59
CA THR A 497 -22.37 1.50 -14.26
C THR A 497 -22.17 2.98 -13.93
N ASN A 498 -21.45 3.69 -14.80
CA ASN A 498 -21.25 5.12 -14.57
C ASN A 498 -22.59 5.85 -14.67
N LEU A 499 -22.89 6.68 -13.67
CA LEU A 499 -24.10 7.48 -13.63
C LEU A 499 -23.81 8.98 -13.76
N ALA A 500 -22.54 9.40 -13.89
CA ALA A 500 -22.23 10.82 -13.76
C ALA A 500 -22.91 11.68 -14.80
N ASP A 501 -23.13 11.15 -16.01
CA ASP A 501 -23.76 11.89 -17.09
C ASP A 501 -25.28 11.68 -17.16
N ASP A 502 -25.87 11.04 -16.16
CA ASP A 502 -27.32 10.83 -16.15
C ASP A 502 -27.96 12.05 -15.48
N PRO A 503 -28.82 12.80 -16.18
CA PRO A 503 -29.39 14.03 -15.56
C PRO A 503 -30.13 13.78 -14.26
N ALA A 504 -30.68 12.57 -14.06
CA ALA A 504 -31.39 12.28 -12.82
C ALA A 504 -30.48 12.31 -11.60
N TYR A 505 -29.17 12.20 -11.80
CA TYR A 505 -28.21 12.19 -10.72
C TYR A 505 -27.53 13.54 -10.53
N ALA A 506 -28.02 14.59 -11.17
CA ALA A 506 -27.29 15.86 -11.18
C ALA A 506 -27.07 16.40 -9.78
N ALA A 507 -28.10 16.36 -8.92
CA ALA A 507 -27.95 16.87 -7.54
C ALA A 507 -26.95 16.06 -6.72
N LEU A 508 -26.97 14.72 -6.85
CA LEU A 508 -26.00 13.88 -6.15
C LEU A 508 -24.58 14.13 -6.64
N VAL A 509 -24.37 14.18 -7.97
CA VAL A 509 -23.04 14.45 -8.51
C VAL A 509 -22.57 15.82 -8.05
N ARG A 510 -23.45 16.81 -8.11
CA ARG A 510 -23.13 18.12 -7.54
C ARG A 510 -22.63 17.99 -6.10
N ASP A 511 -23.39 17.28 -5.27
CA ASP A 511 -23.06 17.18 -3.85
C ASP A 511 -21.68 16.55 -3.64
N TYR A 512 -21.35 15.50 -4.39
CA TYR A 512 -20.06 14.85 -4.20
C TYR A 512 -18.93 15.69 -4.78
N ALA A 513 -19.16 16.38 -5.89
CA ALA A 513 -18.13 17.30 -6.37
C ALA A 513 -17.91 18.42 -5.36
N GLN A 514 -18.97 18.90 -4.71
CA GLN A 514 -18.85 19.95 -3.69
C GLN A 514 -18.08 19.44 -2.48
N LYS A 515 -18.36 18.21 -2.02
CA LYS A 515 -17.57 17.66 -0.92
C LYS A 515 -16.09 17.55 -1.29
N ALA A 516 -15.81 17.10 -2.52
CA ALA A 516 -14.41 16.95 -2.95
C ALA A 516 -13.73 18.31 -3.07
N LEU A 517 -14.45 19.33 -3.54
CA LEU A 517 -13.87 20.67 -3.65
C LEU A 517 -13.59 21.26 -2.27
N SER A 518 -14.50 21.08 -1.31
CA SER A 518 -14.25 21.48 0.07
C SER A 518 -13.03 20.78 0.63
N TRP A 519 -12.89 19.48 0.37
CA TRP A 519 -11.73 18.73 0.83
C TRP A 519 -10.43 19.34 0.29
N ARG A 520 -10.41 19.70 -1.00
CA ARG A 520 -9.24 20.41 -1.55
C ARG A 520 -8.93 21.67 -0.75
N LEU A 521 -9.92 22.53 -0.52
CA LEU A 521 -9.67 23.78 0.16
CA LEU A 521 -9.66 23.80 0.16
C LEU A 521 -9.15 23.55 1.57
N LYS A 522 -9.71 22.54 2.26
CA LYS A 522 -9.33 22.26 3.64
C LYS A 522 -7.92 21.69 3.78
N HIS A 523 -7.34 21.19 2.70
CA HIS A 523 -6.05 20.50 2.78
C HIS A 523 -4.95 21.25 2.01
N ALA A 524 -5.16 22.53 1.69
CA ALA A 524 -4.05 23.32 1.20
C ALA A 524 -2.89 23.31 2.22
N ASP A 525 -1.69 23.48 1.69
CA ASP A 525 -0.48 23.34 2.51
CA ASP A 525 -0.47 23.35 2.50
C ASP A 525 -0.52 24.19 3.79
N ARG A 526 -0.11 23.57 4.90
CA ARG A 526 -0.17 24.15 6.25
C ARG A 526 1.20 24.46 6.85
N THR A 527 2.25 24.56 6.03
CA THR A 527 3.60 24.69 6.56
C THR A 527 3.73 25.86 7.53
N LEU A 528 3.29 27.06 7.12
CA LEU A 528 3.52 28.29 7.88
C LEU A 528 2.21 28.99 8.23
N THR A 529 1.05 28.40 7.89
CA THR A 529 -0.20 29.18 7.95
C THR A 529 -0.73 29.42 9.36
N HIS A 530 -0.11 28.85 10.40
CA HIS A 530 -0.45 29.12 11.79
C HIS A 530 0.31 30.31 12.34
N TYR A 531 1.32 30.81 11.64
CA TYR A 531 2.08 31.95 12.15
C TYR A 531 1.39 33.29 11.84
N ARG A 532 1.68 34.29 12.67
CA ARG A 532 1.11 35.63 12.53
C ARG A 532 2.13 36.67 12.98
N SER A 533 2.28 37.73 12.18
CA SER A 533 2.90 38.95 12.69
C SER A 533 1.83 39.78 13.40
N GLY A 534 2.26 40.79 14.14
CA GLY A 534 1.32 41.64 14.85
C GLY A 534 2.05 42.49 15.86
N PRO A 535 1.31 43.36 16.55
CA PRO A 535 1.96 44.32 17.44
C PRO A 535 2.80 43.68 18.52
N GLU A 536 2.46 42.48 18.98
CA GLU A 536 3.25 41.80 19.99
C GLU A 536 4.38 40.94 19.41
N GLY A 537 4.64 41.04 18.10
CA GLY A 537 5.66 40.20 17.49
C GLY A 537 5.07 38.92 16.93
N LEU A 538 5.97 37.97 16.65
CA LEU A 538 5.58 36.72 16.00
C LEU A 538 4.80 35.87 16.99
N SER A 539 3.68 35.31 16.53
CA SER A 539 2.85 34.44 17.36
C SER A 539 2.34 33.29 16.50
N GLU A 540 1.68 32.34 17.16
CA GLU A 540 1.08 31.21 16.47
C GLU A 540 -0.36 31.04 16.92
N ARG A 541 -1.24 30.75 15.97
CA ARG A 541 -2.63 30.43 16.26
C ARG A 541 -2.77 28.91 16.39
N SER A 542 -3.53 28.50 17.39
CA SER A 542 -3.68 27.09 17.68
C SER A 542 -5.03 26.52 17.23
N HIS A 543 -5.99 27.38 16.92
CA HIS A 543 -7.32 26.90 16.59
C HIS A 543 -7.90 27.73 15.44
#